data_6MTG
#
_entry.id   6MTG
#
_cell.length_a   51.948
_cell.length_b   100.036
_cell.length_c   125.218
_cell.angle_alpha   90.000
_cell.angle_beta   90.000
_cell.angle_gamma   90.000
#
_symmetry.space_group_name_H-M   'P 21 21 21'
#
loop_
_entity.id
_entity.type
_entity.pdbx_description
1 polymer 'Homoserine O-succinyltransferase'
2 non-polymer DI(HYDROXYETHYL)ETHER
3 non-polymer 'FORMIC ACID'
4 non-polymer GLYCEROL
5 water water
#
_entity_poly.entity_id   1
_entity_poly.type   'polypeptide(L)'
_entity_poly.pdbx_seq_one_letter_code
;MPIRVPDELPAVNFLREENVFVMTTSRASGQEIRPLKVLILNLMPKKIETENQFLRLLSNSPLQVDIQLLRIDSRESRNT
PAEHLNNFYCNFEDIQDQNFDGLIVTGAPLGLVEFNDVAYWPQIKQVLEWSKDHVTSTLFV(CSD)WAVQAALNILYGIP
KQTRTEKLSGVYEHHILHPHALLTRGFDDSFLAPHSRYADFPAALIRDYTDLEILAETEEGDAYLFASKDKRIAFVTGHP
EYDAQTLAQEFFRDVEAGLDIDVPYNYFPHNDPQNTPRASWRSHGNLLFTNWLNYYVYQIHHHHHH
;
_entity_poly.pdbx_strand_id   A,B
#
loop_
_chem_comp.id
_chem_comp.type
_chem_comp.name
_chem_comp.formula
FMT non-polymer 'FORMIC ACID' 'C H2 O2'
GOL non-polymer GLYCEROL 'C3 H8 O3'
PEG non-polymer DI(HYDROXYETHYL)ETHER 'C4 H10 O3'
#
# COMPACT_ATOMS: atom_id res chain seq x y z
N PRO A 2 -2.34 -10.60 -9.92
CA PRO A 2 -1.25 -10.41 -10.94
C PRO A 2 -1.85 -10.05 -12.30
N ILE A 3 -1.05 -9.38 -13.14
CA ILE A 3 -1.50 -8.98 -14.50
C ILE A 3 -1.43 -10.26 -15.37
N ARG A 4 -2.24 -10.28 -16.42
CA ARG A 4 -2.14 -11.35 -17.45
C ARG A 4 -1.98 -10.63 -18.79
N VAL A 5 -0.85 -10.87 -19.45
CA VAL A 5 -0.46 -10.12 -20.68
C VAL A 5 0.03 -11.11 -21.72
N PRO A 6 0.23 -10.69 -22.98
CA PRO A 6 0.84 -11.57 -23.99
C PRO A 6 2.24 -11.99 -23.56
N ASP A 7 2.61 -13.25 -23.88
CA ASP A 7 3.87 -13.89 -23.44
C ASP A 7 5.09 -13.04 -23.75
N GLU A 8 5.08 -12.29 -24.86
CA GLU A 8 6.35 -11.68 -25.30
C GLU A 8 6.31 -10.17 -25.01
N LEU A 9 5.28 -9.66 -24.35
CA LEU A 9 5.26 -8.23 -23.98
C LEU A 9 6.53 -8.02 -23.18
N PRO A 10 7.32 -6.97 -23.42
CA PRO A 10 8.58 -6.81 -22.67
C PRO A 10 8.44 -6.80 -21.13
N ALA A 11 7.26 -6.37 -20.64
CA ALA A 11 6.89 -6.31 -19.21
C ALA A 11 7.06 -7.69 -18.55
N VAL A 12 6.88 -8.75 -19.30
CA VAL A 12 6.94 -10.10 -18.72
C VAL A 12 8.34 -10.38 -18.16
N ASN A 13 9.39 -10.29 -18.97
CA ASN A 13 10.76 -10.61 -18.52
C ASN A 13 11.23 -9.53 -17.57
N PHE A 14 10.86 -8.30 -17.86
CA PHE A 14 11.26 -7.09 -17.08
C PHE A 14 10.72 -7.22 -15.65
N LEU A 15 9.42 -7.50 -15.46
CA LEU A 15 8.84 -7.64 -14.11
C LEU A 15 9.29 -8.94 -13.43
N ARG A 16 9.46 -10.00 -14.17
CA ARG A 16 10.00 -11.26 -13.54
C ARG A 16 11.39 -10.97 -12.98
N GLU A 17 12.19 -10.15 -13.64
CA GLU A 17 13.54 -9.83 -13.11
C GLU A 17 13.41 -8.98 -11.82
N GLU A 18 12.24 -8.40 -11.54
CA GLU A 18 11.98 -7.63 -10.29
C GLU A 18 11.29 -8.54 -9.27
N ASN A 19 11.26 -9.84 -9.49
CA ASN A 19 10.65 -10.78 -8.49
C ASN A 19 9.13 -10.56 -8.48
N VAL A 20 8.51 -10.22 -9.62
CA VAL A 20 7.05 -10.00 -9.68
C VAL A 20 6.45 -11.19 -10.46
N PHE A 21 5.44 -11.83 -9.90
CA PHE A 21 4.78 -12.96 -10.61
C PHE A 21 3.91 -12.33 -11.72
N VAL A 22 4.02 -12.83 -12.95
CA VAL A 22 3.15 -12.41 -14.09
C VAL A 22 2.51 -13.62 -14.74
N MET A 23 1.27 -13.51 -15.14
CA MET A 23 0.55 -14.53 -15.92
C MET A 23 0.61 -14.15 -17.40
N THR A 24 0.62 -15.12 -18.29
CA THR A 24 0.71 -14.85 -19.74
C THR A 24 -0.46 -15.56 -20.37
N THR A 25 -0.90 -15.05 -21.51
CA THR A 25 -2.18 -15.45 -22.15
C THR A 25 -2.07 -16.90 -22.65
N SER A 26 -0.85 -17.40 -22.95
CA SER A 26 -0.63 -18.79 -23.43
C SER A 26 -0.88 -19.79 -22.28
N ARG A 27 -0.62 -19.47 -21.00
CA ARG A 27 -0.91 -20.38 -19.84
C ARG A 27 -2.28 -20.04 -19.19
N ALA A 28 -2.60 -20.73 -18.09
CA ALA A 28 -3.92 -20.77 -17.38
C ALA A 28 -5.07 -20.98 -18.38
N GLN A 31 -6.89 -19.23 -11.47
CA GLN A 31 -6.35 -19.63 -10.14
C GLN A 31 -7.50 -19.84 -9.15
N GLU A 32 -7.25 -20.57 -8.06
CA GLU A 32 -8.23 -20.79 -6.96
C GLU A 32 -7.96 -19.72 -5.91
N ILE A 33 -8.85 -18.72 -5.73
CA ILE A 33 -8.75 -17.69 -4.64
C ILE A 33 -9.92 -17.86 -3.67
N ARG A 34 -9.77 -18.66 -2.59
CA ARG A 34 -10.78 -18.93 -1.51
C ARG A 34 -10.60 -17.99 -0.29
N PRO A 35 -11.58 -17.88 0.65
CA PRO A 35 -11.40 -17.05 1.85
C PRO A 35 -10.16 -17.54 2.62
N LEU A 36 -9.35 -16.63 3.18
CA LEU A 36 -8.19 -16.97 4.05
C LEU A 36 -8.68 -17.11 5.49
N LYS A 37 -8.06 -17.98 6.27
CA LYS A 37 -8.39 -18.12 7.70
C LYS A 37 -7.21 -17.58 8.49
N VAL A 38 -7.47 -16.52 9.25
CA VAL A 38 -6.42 -15.89 10.06
C VAL A 38 -6.81 -15.88 11.54
N LEU A 39 -5.88 -16.29 12.35
CA LEU A 39 -6.04 -16.35 13.81
C LEU A 39 -5.26 -15.23 14.45
N ILE A 40 -5.84 -14.57 15.45
CA ILE A 40 -5.07 -13.55 16.21
C ILE A 40 -5.02 -13.95 17.66
N LEU A 41 -3.81 -14.25 18.11
CA LEU A 41 -3.54 -14.45 19.55
C LEU A 41 -3.29 -13.08 20.18
N ASN A 42 -4.29 -12.55 20.87
CA ASN A 42 -4.30 -11.19 21.42
C ASN A 42 -3.75 -11.19 22.84
N LEU A 43 -2.51 -10.75 23.00
CA LEU A 43 -1.87 -10.78 24.35
C LEU A 43 -1.86 -9.39 24.95
N MET A 44 -2.39 -8.41 24.26
CA MET A 44 -2.33 -7.00 24.70
C MET A 44 -3.45 -6.81 25.74
N PRO A 45 -3.22 -5.96 26.76
CA PRO A 45 -4.21 -5.85 27.83
C PRO A 45 -5.49 -5.08 27.39
N LYS A 46 -5.37 -4.13 26.47
CA LYS A 46 -6.59 -3.40 25.92
C LYS A 46 -7.13 -4.20 24.71
N LYS A 47 -7.97 -5.18 24.94
CA LYS A 47 -8.21 -6.23 23.93
C LYS A 47 -8.91 -5.57 22.76
N ILE A 48 -9.96 -4.79 22.99
CA ILE A 48 -10.78 -4.21 21.89
C ILE A 48 -9.94 -3.22 21.05
N GLU A 49 -9.17 -2.33 21.69
CA GLU A 49 -8.31 -1.37 20.97
C GLU A 49 -7.37 -2.15 20.03
N THR A 50 -6.75 -3.23 20.51
CA THR A 50 -5.78 -4.03 19.73
C THR A 50 -6.56 -4.70 18.58
N GLU A 51 -7.72 -5.28 18.86
CA GLU A 51 -8.60 -5.83 17.79
C GLU A 51 -8.87 -4.82 16.70
N ASN A 52 -9.22 -3.59 17.07
CA ASN A 52 -9.58 -2.58 16.06
C ASN A 52 -8.31 -2.25 15.26
N GLN A 53 -7.17 -2.10 15.92
CA GLN A 53 -5.89 -1.68 15.24
C GLN A 53 -5.50 -2.72 14.22
N PHE A 54 -5.48 -4.01 14.57
CA PHE A 54 -5.05 -5.04 13.61
C PHE A 54 -6.12 -5.27 12.55
N LEU A 55 -7.38 -5.26 12.92
CA LEU A 55 -8.42 -5.55 11.93
C LEU A 55 -8.55 -4.39 10.92
N ARG A 56 -8.23 -3.19 11.32
CA ARG A 56 -8.21 -2.06 10.38
C ARG A 56 -7.22 -2.42 9.24
N LEU A 57 -6.04 -2.92 9.61
CA LEU A 57 -4.98 -3.16 8.60
C LEU A 57 -5.23 -4.48 7.87
N LEU A 58 -5.89 -5.48 8.47
CA LEU A 58 -6.23 -6.72 7.77
C LEU A 58 -7.42 -6.54 6.80
N SER A 59 -8.04 -5.38 6.76
CA SER A 59 -9.19 -5.05 5.88
C SER A 59 -8.74 -4.64 4.49
N ASN A 60 -7.45 -4.43 4.27
CA ASN A 60 -6.98 -3.69 3.05
C ASN A 60 -6.45 -4.66 1.97
N SER A 61 -7.18 -5.72 1.72
CA SER A 61 -6.92 -6.66 0.61
C SER A 61 -8.27 -7.01 0.03
N PRO A 62 -8.34 -7.30 -1.28
CA PRO A 62 -9.60 -7.76 -1.85
C PRO A 62 -9.89 -9.18 -1.39
N LEU A 63 -8.88 -9.90 -0.86
CA LEU A 63 -9.10 -11.27 -0.32
C LEU A 63 -10.02 -11.21 0.91
N GLN A 64 -10.89 -12.17 1.06
CA GLN A 64 -11.73 -12.34 2.26
C GLN A 64 -10.88 -12.99 3.36
N VAL A 65 -10.83 -12.34 4.52
CA VAL A 65 -10.00 -12.77 5.67
C VAL A 65 -10.95 -13.14 6.83
N ASP A 66 -11.23 -14.42 6.97
CA ASP A 66 -12.12 -14.97 8.04
C ASP A 66 -11.27 -14.95 9.34
N ILE A 67 -11.70 -14.19 10.32
CA ILE A 67 -10.83 -13.91 11.48
C ILE A 67 -11.31 -14.76 12.64
N GLN A 68 -10.43 -15.41 13.38
CA GLN A 68 -10.81 -16.00 14.66
C GLN A 68 -9.88 -15.40 15.71
N LEU A 69 -10.40 -15.11 16.89
CA LEU A 69 -9.59 -14.51 17.98
C LEU A 69 -9.28 -15.58 19.03
N LEU A 70 -8.01 -15.69 19.41
CA LEU A 70 -7.50 -16.72 20.30
C LEU A 70 -7.10 -16.07 21.64
N ARG A 71 -7.59 -16.65 22.76
CA ARG A 71 -7.13 -16.26 24.10
C ARG A 71 -6.16 -17.32 24.58
N ILE A 72 -5.19 -16.90 25.38
CA ILE A 72 -3.99 -17.75 25.74
C ILE A 72 -4.32 -18.57 26.94
N ASP A 73 -5.21 -18.06 27.81
CA ASP A 73 -5.68 -18.85 28.96
C ASP A 73 -7.06 -18.31 29.28
N SER A 74 -7.64 -18.66 30.40
CA SER A 74 -9.02 -18.24 30.78
C SER A 74 -9.00 -17.38 32.05
N ARG A 75 -7.89 -16.67 32.31
CA ARG A 75 -7.81 -15.60 33.35
C ARG A 75 -8.71 -14.41 32.97
N GLU A 76 -9.42 -13.87 33.98
CA GLU A 76 -10.28 -12.65 33.88
C GLU A 76 -9.63 -11.56 34.74
N THR A 80 -10.66 -6.14 30.08
CA THR A 80 -11.66 -6.58 29.07
C THR A 80 -12.85 -7.21 29.79
N PRO A 81 -14.12 -6.96 29.38
CA PRO A 81 -15.25 -7.75 29.88
C PRO A 81 -15.04 -9.27 29.70
N ALA A 82 -15.44 -10.08 30.73
CA ALA A 82 -15.51 -11.55 30.56
C ALA A 82 -16.50 -11.84 29.43
N GLU A 83 -17.60 -11.07 29.31
CA GLU A 83 -18.56 -11.23 28.19
C GLU A 83 -17.81 -11.19 26.85
N HIS A 84 -17.01 -10.20 26.66
CA HIS A 84 -16.28 -9.96 25.37
C HIS A 84 -15.48 -11.21 25.00
N LEU A 85 -14.57 -11.64 25.86
CA LEU A 85 -13.75 -12.84 25.58
C LEU A 85 -14.65 -14.08 25.38
N ASN A 86 -15.65 -14.30 26.24
CA ASN A 86 -16.45 -15.54 26.10
C ASN A 86 -17.22 -15.43 24.78
N ASN A 87 -17.62 -14.23 24.33
CA ASN A 87 -18.48 -14.12 23.13
C ASN A 87 -17.64 -14.34 21.85
N PHE A 88 -16.40 -13.86 21.84
CA PHE A 88 -15.70 -13.60 20.55
C PHE A 88 -14.41 -14.40 20.47
N TYR A 89 -13.89 -14.94 21.56
CA TYR A 89 -12.57 -15.61 21.55
C TYR A 89 -12.76 -17.12 21.64
N CYS A 90 -11.81 -17.84 21.04
CA CYS A 90 -11.73 -19.32 21.22
C CYS A 90 -10.52 -19.63 22.11
N ASN A 91 -10.51 -20.80 22.72
CA ASN A 91 -9.36 -21.39 23.45
C ASN A 91 -8.58 -22.29 22.48
N PHE A 92 -7.36 -22.65 22.83
CA PHE A 92 -6.47 -23.41 21.94
C PHE A 92 -7.11 -24.78 21.60
N GLU A 93 -7.73 -25.44 22.56
CA GLU A 93 -8.33 -26.79 22.33
C GLU A 93 -9.47 -26.67 21.32
N ASP A 94 -10.12 -25.52 21.21
CA ASP A 94 -11.23 -25.33 20.25
C ASP A 94 -10.70 -25.34 18.82
N ILE A 95 -9.48 -24.87 18.56
CA ILE A 95 -9.01 -24.72 17.17
C ILE A 95 -7.81 -25.64 16.86
N GLN A 96 -7.32 -26.40 17.81
CA GLN A 96 -6.06 -27.17 17.65
C GLN A 96 -6.13 -28.16 16.45
N ASP A 97 -7.30 -28.72 16.11
CA ASP A 97 -7.44 -29.65 14.94
C ASP A 97 -7.58 -28.88 13.60
N GLN A 98 -7.59 -27.55 13.61
CA GLN A 98 -7.73 -26.74 12.37
C GLN A 98 -6.37 -26.29 11.82
N ASN A 99 -6.31 -26.08 10.51
CA ASN A 99 -5.19 -25.39 9.85
C ASN A 99 -5.68 -23.96 9.53
N PHE A 100 -4.74 -23.03 9.52
CA PHE A 100 -4.94 -21.59 9.25
C PHE A 100 -3.96 -21.22 8.15
N ASP A 101 -4.34 -20.21 7.38
CA ASP A 101 -3.43 -19.48 6.48
C ASP A 101 -2.49 -18.53 7.27
N GLY A 102 -3.01 -17.89 8.28
CA GLY A 102 -2.23 -16.91 9.04
C GLY A 102 -2.48 -16.95 10.50
N LEU A 103 -1.45 -16.56 11.22
CA LEU A 103 -1.52 -16.31 12.67
C LEU A 103 -0.77 -15.02 12.96
N ILE A 104 -1.37 -14.13 13.75
CA ILE A 104 -0.69 -12.98 14.39
C ILE A 104 -0.60 -13.28 15.88
N VAL A 105 0.61 -13.20 16.39
CA VAL A 105 0.81 -13.09 17.88
C VAL A 105 1.16 -11.65 18.19
N THR A 106 0.29 -10.96 18.94
CA THR A 106 0.49 -9.54 19.26
C THR A 106 1.68 -9.43 20.24
N GLY A 107 2.07 -8.22 20.52
CA GLY A 107 2.88 -7.82 21.70
C GLY A 107 2.12 -8.09 22.99
N ALA A 108 2.85 -7.93 24.08
CA ALA A 108 2.40 -8.15 25.45
C ALA A 108 3.31 -7.32 26.34
N PRO A 109 2.85 -6.95 27.54
CA PRO A 109 3.58 -5.96 28.36
C PRO A 109 4.67 -6.64 29.22
N LEU A 110 5.45 -7.52 28.61
CA LEU A 110 6.33 -8.51 29.27
C LEU A 110 7.80 -8.18 29.02
N GLY A 111 8.08 -6.98 28.56
CA GLY A 111 9.44 -6.47 28.30
C GLY A 111 10.39 -6.70 29.49
N LEU A 112 9.89 -6.49 30.73
CA LEU A 112 10.75 -6.59 31.91
C LEU A 112 10.45 -7.83 32.76
N VAL A 113 9.87 -8.88 32.18
CA VAL A 113 9.55 -10.13 32.91
C VAL A 113 10.44 -11.23 32.33
N GLU A 114 11.22 -11.95 33.15
CA GLU A 114 11.88 -13.18 32.64
C GLU A 114 10.80 -14.20 32.18
N PHE A 115 11.13 -14.99 31.16
CA PHE A 115 10.20 -15.98 30.55
C PHE A 115 9.68 -16.92 31.64
N ASN A 116 10.51 -17.40 32.57
CA ASN A 116 10.07 -18.35 33.62
CA ASN A 116 10.08 -18.36 33.63
C ASN A 116 9.05 -17.70 34.56
N ASP A 117 8.92 -16.37 34.57
CA ASP A 117 7.92 -15.63 35.37
C ASP A 117 6.65 -15.33 34.56
N VAL A 118 6.59 -15.75 33.31
CA VAL A 118 5.42 -15.49 32.45
C VAL A 118 4.50 -16.68 32.74
N ALA A 119 3.38 -16.45 33.41
CA ALA A 119 2.41 -17.49 33.83
C ALA A 119 1.95 -18.33 32.62
N TYR A 120 1.76 -17.76 31.43
CA TYR A 120 1.22 -18.55 30.28
C TYR A 120 2.34 -18.95 29.33
N TRP A 121 3.59 -18.95 29.77
CA TRP A 121 4.73 -19.39 28.94
C TRP A 121 4.47 -20.78 28.39
N PRO A 122 3.98 -21.79 29.17
CA PRO A 122 3.72 -23.09 28.56
C PRO A 122 2.72 -23.02 27.38
N GLN A 123 1.65 -22.23 27.53
CA GLN A 123 0.59 -22.08 26.49
C GLN A 123 1.22 -21.45 25.24
N ILE A 124 2.16 -20.53 25.41
CA ILE A 124 2.82 -19.83 24.26
C ILE A 124 3.68 -20.86 23.54
N LYS A 125 4.46 -21.67 24.26
CA LYS A 125 5.30 -22.71 23.62
C LYS A 125 4.36 -23.65 22.83
N GLN A 126 3.22 -23.96 23.38
CA GLN A 126 2.32 -24.96 22.75
C GLN A 126 1.80 -24.37 21.44
N VAL A 127 1.38 -23.10 21.46
CA VAL A 127 0.87 -22.44 20.18
C VAL A 127 1.99 -22.33 19.13
N LEU A 128 3.19 -21.94 19.53
CA LEU A 128 4.30 -21.80 18.56
C LEU A 128 4.70 -23.14 17.98
N GLU A 129 4.76 -24.21 18.77
CA GLU A 129 5.10 -25.57 18.24
C GLU A 129 4.01 -25.99 17.25
N TRP A 130 2.73 -25.84 17.61
CA TRP A 130 1.58 -26.20 16.77
C TRP A 130 1.62 -25.42 15.45
N SER A 131 2.06 -24.16 15.49
CA SER A 131 2.00 -23.27 14.32
C SER A 131 2.85 -23.90 13.19
N LYS A 132 3.92 -24.62 13.54
CA LYS A 132 4.88 -25.13 12.51
C LYS A 132 4.15 -25.94 11.46
N ASP A 133 3.19 -26.73 11.86
CA ASP A 133 2.45 -27.64 10.95
C ASP A 133 1.06 -27.10 10.66
N HIS A 134 0.53 -26.18 11.47
CA HIS A 134 -0.90 -25.82 11.32
C HIS A 134 -1.07 -24.44 10.70
N VAL A 135 -0.05 -23.63 10.54
CA VAL A 135 -0.23 -22.22 10.08
C VAL A 135 0.70 -21.94 8.94
N THR A 136 0.18 -21.49 7.81
CA THR A 136 1.03 -21.22 6.66
C THR A 136 2.02 -20.07 6.96
N SER A 137 1.58 -18.97 7.54
CA SER A 137 2.50 -17.89 7.94
C SER A 137 2.04 -17.32 9.29
N THR A 138 2.97 -17.24 10.22
CA THR A 138 2.83 -16.60 11.54
C THR A 138 3.65 -15.31 11.54
N LEU A 139 2.97 -14.20 11.90
CA LEU A 139 3.60 -12.91 12.14
C LEU A 139 3.63 -12.64 13.64
N PHE A 140 4.81 -12.46 14.14
CA PHE A 140 5.11 -12.11 15.54
C PHE A 140 5.36 -10.61 15.65
N VAL A 141 4.71 -9.96 16.62
CA VAL A 141 4.79 -8.49 16.83
C VAL A 141 5.46 -8.25 18.17
N CSD A 142 6.47 -7.37 18.15
CA CSD A 142 7.01 -6.75 19.36
CB CSD A 142 5.98 -5.69 19.84
SG CSD A 142 6.61 -4.73 21.31
C CSD A 142 7.48 -7.81 20.34
O CSD A 142 8.39 -8.59 20.04
OD1 CSD A 142 7.92 -4.28 21.08
OD2 CSD A 142 5.36 -4.67 22.43
N TRP A 143 6.95 -7.86 21.58
CA TRP A 143 7.44 -8.86 22.53
C TRP A 143 7.34 -10.28 21.96
N ALA A 144 6.32 -10.59 21.12
CA ALA A 144 6.16 -11.97 20.64
C ALA A 144 7.41 -12.33 19.84
N VAL A 145 8.07 -11.35 19.29
CA VAL A 145 9.34 -11.61 18.55
C VAL A 145 10.35 -12.19 19.53
N GLN A 146 10.46 -11.61 20.70
CA GLN A 146 11.44 -12.05 21.72
C GLN A 146 11.07 -13.46 22.14
N ALA A 147 9.80 -13.72 22.42
CA ALA A 147 9.30 -15.05 22.80
C ALA A 147 9.72 -16.06 21.72
N ALA A 148 9.40 -15.75 20.45
CA ALA A 148 9.63 -16.66 19.32
C ALA A 148 11.13 -16.86 19.09
N LEU A 149 11.93 -15.86 19.26
CA LEU A 149 13.43 -16.04 19.10
C LEU A 149 13.92 -16.99 20.18
N ASN A 150 13.33 -16.93 21.36
CA ASN A 150 13.70 -17.84 22.48
C ASN A 150 13.20 -19.29 22.15
N ILE A 151 11.93 -19.46 21.81
CA ILE A 151 11.29 -20.79 21.67
C ILE A 151 11.80 -21.44 20.39
N LEU A 152 12.01 -20.69 19.32
CA LEU A 152 12.38 -21.29 18.01
C LEU A 152 13.90 -21.34 17.83
N TYR A 153 14.70 -20.45 18.43
CA TYR A 153 16.15 -20.39 18.14
C TYR A 153 16.96 -20.42 19.43
N GLY A 154 16.33 -20.53 20.61
CA GLY A 154 17.08 -20.57 21.89
C GLY A 154 17.83 -19.28 22.21
N ILE A 155 17.42 -18.16 21.64
CA ILE A 155 18.05 -16.84 21.95
C ILE A 155 17.58 -16.33 23.31
N PRO A 156 18.49 -16.06 24.27
CA PRO A 156 18.06 -15.60 25.58
C PRO A 156 17.49 -14.20 25.45
N LYS A 157 16.54 -13.87 26.33
CA LYS A 157 16.01 -12.49 26.46
C LYS A 157 17.13 -11.45 26.43
N GLN A 158 16.95 -10.35 25.70
CA GLN A 158 17.92 -9.25 25.74
C GLN A 158 17.15 -7.95 25.94
N THR A 159 17.55 -7.12 26.91
CA THR A 159 16.77 -5.94 27.32
C THR A 159 17.63 -4.70 27.11
N ARG A 160 17.02 -3.62 26.64
CA ARG A 160 17.68 -2.32 26.50
C ARG A 160 17.79 -1.60 27.86
N THR A 161 18.76 -0.69 27.94
CA THR A 161 18.99 0.25 29.07
C THR A 161 17.75 1.10 29.33
N GLU A 162 17.13 1.61 28.28
CA GLU A 162 15.87 2.34 28.40
C GLU A 162 14.90 1.86 27.31
N LYS A 163 13.66 2.06 27.59
CA LYS A 163 12.57 1.79 26.64
C LYS A 163 12.82 2.58 25.35
N LEU A 164 12.76 1.93 24.20
CA LEU A 164 12.73 2.63 22.88
C LEU A 164 11.29 3.04 22.58
N SER A 165 11.05 4.33 22.52
CA SER A 165 9.69 4.88 22.39
CA SER A 165 9.69 4.91 22.45
C SER A 165 9.72 6.02 21.39
N GLY A 166 9.06 5.85 20.24
CA GLY A 166 9.11 6.90 19.25
C GLY A 166 8.75 6.45 17.87
N VAL A 167 8.96 7.36 16.93
CA VAL A 167 8.70 7.17 15.49
C VAL A 167 10.08 7.33 14.86
N TYR A 168 10.60 6.24 14.35
CA TYR A 168 11.99 6.09 13.90
C TYR A 168 12.05 5.89 12.41
N GLU A 169 13.22 6.24 11.89
CA GLU A 169 13.62 6.04 10.48
C GLU A 169 14.17 4.63 10.30
N HIS A 170 13.81 4.05 9.19
CA HIS A 170 14.11 2.66 8.79
C HIS A 170 14.54 2.66 7.32
N HIS A 171 15.17 1.60 6.92
CA HIS A 171 15.41 1.35 5.47
C HIS A 171 15.17 -0.11 5.15
N ILE A 172 14.80 -0.42 3.90
CA ILE A 172 14.66 -1.80 3.38
C ILE A 172 16.03 -2.29 2.93
N LEU A 173 16.22 -3.61 2.98
CA LEU A 173 17.50 -4.22 2.54
C LEU A 173 17.38 -4.88 1.19
N HIS A 174 16.19 -5.27 0.73
CA HIS A 174 15.99 -6.09 -0.51
C HIS A 174 14.98 -5.38 -1.40
N PRO A 175 15.45 -4.71 -2.46
CA PRO A 175 14.60 -3.86 -3.29
C PRO A 175 13.39 -4.59 -3.89
N HIS A 176 13.50 -5.88 -4.11
CA HIS A 176 12.50 -6.71 -4.79
C HIS A 176 11.80 -7.71 -3.85
N ALA A 177 11.90 -7.54 -2.52
CA ALA A 177 11.23 -8.40 -1.57
C ALA A 177 9.70 -8.27 -1.64
N LEU A 178 9.01 -9.37 -1.31
CA LEU A 178 7.54 -9.37 -1.21
C LEU A 178 7.05 -8.63 0.01
N LEU A 179 7.61 -8.89 1.18
CA LEU A 179 6.99 -8.33 2.40
C LEU A 179 7.11 -6.81 2.39
N THR A 180 8.17 -6.25 1.74
CA THR A 180 8.40 -4.79 1.65
C THR A 180 7.99 -4.24 0.29
N ARG A 181 7.22 -4.99 -0.47
CA ARG A 181 6.82 -4.53 -1.84
C ARG A 181 6.13 -3.17 -1.73
N GLY A 182 6.61 -2.21 -2.52
CA GLY A 182 6.07 -0.82 -2.51
C GLY A 182 6.61 0.05 -1.42
N PHE A 183 7.41 -0.47 -0.46
CA PHE A 183 8.01 0.38 0.57
C PHE A 183 8.97 1.38 -0.10
N ASP A 184 9.00 2.57 0.43
CA ASP A 184 10.03 3.57 0.12
C ASP A 184 11.34 3.04 0.64
N ASP A 185 12.45 3.51 0.08
CA ASP A 185 13.77 3.06 0.54
C ASP A 185 14.00 3.34 2.04
N SER A 186 13.54 4.48 2.53
N SER A 186 13.40 4.42 2.51
CA SER A 186 13.52 4.86 3.96
CA SER A 186 13.48 5.07 3.83
C SER A 186 12.07 5.16 4.33
C SER A 186 12.05 5.24 4.33
N PHE A 187 11.71 4.85 5.55
CA PHE A 187 10.32 5.09 5.98
C PHE A 187 10.24 5.12 7.50
N LEU A 188 9.10 5.58 7.98
CA LEU A 188 8.89 5.78 9.45
C LEU A 188 8.08 4.61 9.98
N ALA A 189 8.44 4.15 11.19
CA ALA A 189 7.59 3.23 11.98
C ALA A 189 7.83 3.42 13.46
N PRO A 190 6.80 3.21 14.31
CA PRO A 190 6.89 3.42 15.73
C PRO A 190 7.42 2.19 16.47
N HIS A 191 8.22 2.46 17.48
CA HIS A 191 8.65 1.48 18.48
C HIS A 191 8.23 1.87 19.89
N SER A 192 7.99 0.84 20.68
CA SER A 192 7.62 0.99 22.11
C SER A 192 8.06 -0.30 22.77
N ARG A 193 9.31 -0.42 23.15
CA ARG A 193 9.82 -1.73 23.64
C ARG A 193 11.02 -1.56 24.56
N TYR A 194 11.10 -2.46 25.54
CA TYR A 194 12.40 -2.74 26.23
C TYR A 194 13.22 -3.82 25.52
N ALA A 195 12.57 -4.71 24.76
CA ALA A 195 13.30 -5.78 24.06
C ALA A 195 14.35 -5.18 23.16
N ASP A 196 15.54 -5.79 23.17
CA ASP A 196 16.64 -5.34 22.32
C ASP A 196 16.69 -6.29 21.13
N PHE A 197 16.72 -5.75 19.91
CA PHE A 197 16.73 -6.55 18.65
C PHE A 197 17.82 -6.09 17.69
N PRO A 198 19.10 -6.03 18.11
CA PRO A 198 20.20 -5.68 17.21
C PRO A 198 20.18 -6.65 16.01
N ALA A 199 20.36 -6.13 14.81
CA ALA A 199 20.38 -6.94 13.58
C ALA A 199 21.40 -8.06 13.77
N ALA A 200 22.57 -7.80 14.35
CA ALA A 200 23.64 -8.83 14.48
C ALA A 200 23.13 -10.06 15.24
N LEU A 201 22.27 -9.87 16.25
CA LEU A 201 21.65 -10.98 17.02
C LEU A 201 20.85 -11.90 16.08
N ILE A 202 20.06 -11.31 15.16
CA ILE A 202 19.26 -12.08 14.21
C ILE A 202 20.22 -12.77 13.21
N ARG A 203 21.17 -12.05 12.66
CA ARG A 203 22.14 -12.67 11.71
C ARG A 203 22.99 -13.77 12.34
N ASP A 204 23.46 -13.61 13.58
CA ASP A 204 24.46 -14.56 14.13
C ASP A 204 23.71 -15.78 14.74
N TYR A 205 22.42 -15.71 15.13
CA TYR A 205 21.77 -16.81 15.88
C TYR A 205 20.54 -17.37 15.15
N THR A 206 20.22 -16.88 13.95
CA THR A 206 19.17 -17.45 13.12
C THR A 206 19.61 -17.55 11.66
N ASP A 207 18.76 -18.22 10.89
CA ASP A 207 18.82 -18.29 9.40
C ASP A 207 17.79 -17.32 8.75
N LEU A 208 17.23 -16.37 9.51
CA LEU A 208 16.14 -15.50 8.99
C LEU A 208 16.73 -14.43 8.06
N GLU A 209 16.01 -14.02 7.04
CA GLU A 209 16.42 -12.90 6.15
C GLU A 209 15.91 -11.60 6.75
N ILE A 210 16.80 -10.64 6.92
CA ILE A 210 16.42 -9.28 7.42
C ILE A 210 15.96 -8.42 6.24
N LEU A 211 14.75 -7.87 6.33
CA LEU A 211 14.14 -7.12 5.23
C LEU A 211 14.16 -5.65 5.50
N ALA A 212 14.18 -5.21 6.79
CA ALA A 212 14.22 -3.79 7.12
C ALA A 212 14.86 -3.63 8.49
N GLU A 213 15.63 -2.55 8.64
CA GLU A 213 16.32 -2.19 9.88
C GLU A 213 15.95 -0.76 10.27
N THR A 214 16.06 -0.45 11.55
CA THR A 214 16.12 0.92 12.06
C THR A 214 17.47 1.52 11.67
N GLU A 215 17.57 2.84 11.72
CA GLU A 215 18.84 3.55 11.41
C GLU A 215 19.91 3.24 12.46
N GLU A 216 19.52 2.86 13.67
CA GLU A 216 20.45 2.62 14.81
C GLU A 216 20.92 1.17 14.76
N GLY A 217 20.46 0.35 13.82
CA GLY A 217 21.00 -1.00 13.68
C GLY A 217 20.13 -2.12 14.25
N ASP A 218 18.84 -1.89 14.61
CA ASP A 218 17.92 -2.96 15.08
C ASP A 218 17.24 -3.60 13.87
N ALA A 219 16.93 -4.86 13.94
CA ALA A 219 16.07 -5.52 12.94
C ALA A 219 14.67 -4.99 13.20
N TYR A 220 13.96 -4.67 12.14
CA TYR A 220 12.56 -4.19 12.20
C TYR A 220 11.68 -5.25 11.55
N LEU A 221 12.03 -5.74 10.35
CA LEU A 221 11.25 -6.81 9.65
C LEU A 221 12.21 -7.90 9.20
N PHE A 222 11.88 -9.14 9.48
CA PHE A 222 12.72 -10.27 9.07
C PHE A 222 11.76 -11.46 8.96
N ALA A 223 12.16 -12.46 8.20
CA ALA A 223 11.26 -13.60 7.90
C ALA A 223 12.09 -14.80 7.43
N SER A 224 11.53 -15.97 7.55
CA SER A 224 12.11 -17.20 6.97
C SER A 224 11.91 -17.19 5.46
N LYS A 225 12.79 -17.88 4.74
CA LYS A 225 12.65 -17.95 3.27
C LYS A 225 11.37 -18.67 2.88
N ASP A 226 10.92 -19.67 3.62
CA ASP A 226 9.69 -20.41 3.26
C ASP A 226 8.43 -19.64 3.69
N LYS A 227 8.58 -18.47 4.31
CA LYS A 227 7.51 -17.54 4.71
C LYS A 227 6.66 -18.10 5.86
N ARG A 228 7.07 -19.18 6.51
CA ARG A 228 6.30 -19.72 7.63
C ARG A 228 6.34 -18.76 8.82
N ILE A 229 7.44 -18.03 9.01
CA ILE A 229 7.53 -17.11 10.17
C ILE A 229 8.03 -15.74 9.70
N ALA A 230 7.43 -14.71 10.24
CA ALA A 230 7.71 -13.31 9.96
C ALA A 230 7.64 -12.55 11.28
N PHE A 231 8.45 -11.49 11.36
CA PHE A 231 8.66 -10.75 12.59
C PHE A 231 8.65 -9.26 12.30
N VAL A 232 8.00 -8.50 13.18
CA VAL A 232 7.96 -7.03 13.18
C VAL A 232 8.21 -6.55 14.60
N THR A 233 9.23 -5.72 14.81
CA THR A 233 9.68 -5.33 16.17
C THR A 233 9.08 -4.01 16.63
N GLY A 234 8.39 -3.28 15.72
CA GLY A 234 7.67 -2.04 15.98
C GLY A 234 6.18 -2.29 16.22
N HIS A 235 5.43 -1.21 16.25
CA HIS A 235 3.95 -1.22 16.36
C HIS A 235 3.33 -0.33 15.30
N PRO A 236 3.46 -0.67 14.02
CA PRO A 236 2.89 0.11 12.93
C PRO A 236 1.35 0.17 12.95
N GLU A 237 0.72 -0.68 13.74
CA GLU A 237 -0.76 -0.76 13.88
C GLU A 237 -1.24 0.32 14.87
N TYR A 238 -0.38 0.88 15.74
CA TYR A 238 -0.75 1.97 16.69
C TYR A 238 -1.45 3.17 16.01
N ASP A 239 -2.45 3.62 16.72
CA ASP A 239 -3.19 4.86 16.41
C ASP A 239 -2.30 6.07 16.73
N ALA A 240 -2.66 7.24 16.22
CA ALA A 240 -1.92 8.49 16.45
C ALA A 240 -1.58 8.65 17.93
N GLN A 241 -2.58 8.45 18.82
CA GLN A 241 -2.52 8.81 20.25
C GLN A 241 -1.89 7.70 21.12
N THR A 242 -1.62 6.52 20.57
CA THR A 242 -1.28 5.33 21.44
C THR A 242 -0.01 5.64 22.29
N LEU A 243 1.07 6.13 21.68
CA LEU A 243 2.27 6.43 22.47
C LEU A 243 2.02 7.52 23.53
N ALA A 244 1.20 8.48 23.21
CA ALA A 244 0.87 9.61 24.08
C ALA A 244 0.17 9.10 25.34
N GLN A 245 -0.72 8.13 25.19
CA GLN A 245 -1.46 7.55 26.33
C GLN A 245 -0.45 6.89 27.28
N GLU A 246 0.52 6.17 26.79
CA GLU A 246 1.56 5.54 27.64
C GLU A 246 2.39 6.62 28.31
N PHE A 247 2.77 7.67 27.55
CA PHE A 247 3.63 8.76 28.05
C PHE A 247 2.87 9.44 29.21
N PHE A 248 1.61 9.83 28.99
CA PHE A 248 0.86 10.56 30.06
C PHE A 248 0.64 9.69 31.30
N ARG A 249 0.41 8.39 31.14
CA ARG A 249 0.23 7.50 32.32
C ARG A 249 1.57 7.44 33.12
N ASP A 250 2.69 7.36 32.44
CA ASP A 250 4.00 7.34 33.15
C ASP A 250 4.30 8.70 33.84
N VAL A 251 3.97 9.84 33.21
CA VAL A 251 4.14 11.15 33.85
C VAL A 251 3.24 11.25 35.08
N GLU A 252 1.99 10.80 34.99
N GLU A 252 2.00 10.79 35.00
CA GLU A 252 1.04 10.80 36.14
CA GLU A 252 1.06 10.79 36.15
C GLU A 252 1.60 9.94 37.29
C GLU A 252 1.63 9.95 37.31
N ALA A 253 2.33 8.88 37.04
CA ALA A 253 2.82 7.95 38.09
C ALA A 253 4.06 8.53 38.79
N GLY A 254 4.61 9.64 38.29
CA GLY A 254 5.79 10.34 38.79
C GLY A 254 7.07 9.89 38.10
N LEU A 255 7.00 9.26 36.91
CA LEU A 255 8.22 8.78 36.24
C LEU A 255 8.89 9.95 35.54
N ASP A 256 8.13 10.89 35.06
CA ASP A 256 8.74 12.12 34.48
C ASP A 256 9.89 11.66 33.55
N ILE A 257 9.47 11.06 32.47
CA ILE A 257 10.36 10.50 31.41
C ILE A 257 10.49 11.54 30.31
N ASP A 258 11.31 11.22 29.33
CA ASP A 258 11.41 12.04 28.11
C ASP A 258 10.18 11.76 27.27
N VAL A 259 9.90 12.68 26.36
CA VAL A 259 8.88 12.43 25.33
C VAL A 259 9.38 11.33 24.41
N PRO A 260 8.43 10.62 23.80
CA PRO A 260 8.75 9.75 22.70
C PRO A 260 9.46 10.57 21.63
N TYR A 261 10.38 9.89 20.94
CA TYR A 261 11.19 10.50 19.86
C TYR A 261 10.30 10.85 18.69
N ASN A 262 10.46 12.06 18.12
CA ASN A 262 9.88 12.38 16.80
C ASN A 262 8.39 12.06 16.78
N TYR A 263 7.65 12.45 17.82
CA TYR A 263 6.30 12.03 18.05
C TYR A 263 5.38 13.22 18.24
N PHE A 264 5.62 14.01 19.27
CA PHE A 264 4.87 15.25 19.52
C PHE A 264 5.47 16.37 18.66
N PRO A 265 4.64 17.20 18.00
CA PRO A 265 5.17 18.42 17.34
C PRO A 265 5.94 19.34 18.31
N HIS A 266 7.16 19.73 17.87
CA HIS A 266 8.10 20.56 18.66
C HIS A 266 8.47 19.86 19.94
N ASN A 267 8.27 18.54 20.07
CA ASN A 267 8.55 17.80 21.31
C ASN A 267 7.77 18.35 22.48
N ASP A 268 6.60 18.86 22.23
CA ASP A 268 5.78 19.48 23.29
C ASP A 268 4.51 18.64 23.42
N PRO A 269 4.29 17.99 24.54
CA PRO A 269 3.18 17.07 24.68
C PRO A 269 1.82 17.75 24.77
N GLN A 270 1.81 19.08 24.79
CA GLN A 270 0.55 19.82 24.64
C GLN A 270 0.09 19.73 23.17
N ASN A 271 0.99 19.47 22.22
CA ASN A 271 0.64 19.36 20.78
C ASN A 271 0.08 17.97 20.38
N THR A 272 -0.81 17.91 19.39
CA THR A 272 -1.47 16.68 18.94
C THR A 272 -0.53 15.91 18.01
N PRO A 273 -0.18 14.63 18.36
CA PRO A 273 0.59 13.78 17.46
C PRO A 273 -0.32 13.20 16.36
N ARG A 274 0.26 13.07 15.18
CA ARG A 274 -0.39 12.45 14.01
C ARG A 274 0.29 11.12 13.70
N ALA A 275 -0.43 10.23 13.01
CA ALA A 275 0.04 8.87 12.64
C ALA A 275 0.92 8.99 11.40
N SER A 276 2.15 9.43 11.61
CA SER A 276 3.16 9.73 10.57
C SER A 276 3.72 8.46 9.91
N TRP A 277 3.36 7.29 10.48
CA TRP A 277 3.80 5.91 10.11
C TRP A 277 2.71 5.14 9.41
N ARG A 278 1.58 5.77 9.11
CA ARG A 278 0.41 5.05 8.58
C ARG A 278 0.77 4.19 7.35
N SER A 279 1.37 4.81 6.34
CA SER A 279 1.51 4.20 5.00
C SER A 279 2.21 2.87 5.06
N HIS A 280 3.32 2.74 5.78
CA HIS A 280 4.09 1.49 5.70
C HIS A 280 3.49 0.45 6.64
N GLY A 281 2.69 0.82 7.59
CA GLY A 281 1.86 -0.17 8.32
C GLY A 281 0.82 -0.77 7.43
N ASN A 282 0.18 0.03 6.59
CA ASN A 282 -0.84 -0.47 5.64
C ASN A 282 -0.15 -1.41 4.65
N LEU A 283 0.97 -0.97 4.05
CA LEU A 283 1.69 -1.80 3.06
C LEU A 283 2.12 -3.14 3.70
N LEU A 284 2.70 -3.09 4.89
CA LEU A 284 3.19 -4.30 5.59
C LEU A 284 2.08 -5.32 5.69
N PHE A 285 0.93 -4.97 6.24
CA PHE A 285 -0.15 -5.96 6.48
C PHE A 285 -0.75 -6.41 5.17
N THR A 286 -0.93 -5.50 4.22
CA THR A 286 -1.41 -5.83 2.87
C THR A 286 -0.47 -6.85 2.20
N ASN A 287 0.84 -6.63 2.27
CA ASN A 287 1.88 -7.52 1.70
C ASN A 287 1.86 -8.89 2.44
N TRP A 288 1.76 -8.91 3.75
CA TRP A 288 1.76 -10.16 4.54
C TRP A 288 0.51 -10.94 4.08
N LEU A 289 -0.67 -10.34 4.00
CA LEU A 289 -1.86 -11.12 3.54
C LEU A 289 -1.67 -11.59 2.09
N ASN A 290 -1.19 -10.74 1.21
CA ASN A 290 -1.22 -11.01 -0.23
C ASN A 290 -0.10 -11.97 -0.64
N TYR A 291 1.04 -12.02 0.04
CA TYR A 291 2.24 -12.80 -0.42
C TYR A 291 2.65 -13.87 0.58
N TYR A 292 2.27 -13.78 1.87
CA TYR A 292 2.70 -14.76 2.91
C TYR A 292 1.48 -15.64 3.29
N VAL A 293 0.32 -15.00 3.63
CA VAL A 293 -0.84 -15.77 4.10
C VAL A 293 -1.46 -16.41 2.85
N TYR A 294 -1.63 -15.64 1.80
CA TYR A 294 -2.08 -16.20 0.49
C TYR A 294 -0.80 -16.53 -0.32
N GLN A 295 -0.60 -17.73 -0.81
CA GLN A 295 0.61 -17.98 -1.66
C GLN A 295 0.12 -18.60 -2.97
N ILE A 296 0.15 -17.83 -4.06
CA ILE A 296 -0.26 -18.22 -5.47
C ILE A 296 0.39 -19.58 -5.85
N HIS A 297 1.65 -19.77 -5.45
CA HIS A 297 2.46 -20.99 -5.64
C HIS A 297 2.24 -21.92 -4.43
N PRO B 2 -11.40 -7.83 2.35
CA PRO B 2 -12.05 -7.36 3.62
C PRO B 2 -12.07 -8.49 4.65
N ILE B 3 -12.16 -8.12 5.94
CA ILE B 3 -12.27 -9.11 7.01
C ILE B 3 -13.74 -9.61 7.06
N ARG B 4 -13.92 -10.77 7.66
N ARG B 4 -13.92 -10.79 7.62
CA ARG B 4 -15.25 -11.31 7.96
CA ARG B 4 -15.23 -11.30 8.02
C ARG B 4 -15.22 -11.77 9.42
C ARG B 4 -15.15 -11.71 9.47
N VAL B 5 -16.05 -11.13 10.26
CA VAL B 5 -16.08 -11.33 11.71
C VAL B 5 -17.55 -11.42 12.14
N PRO B 6 -17.81 -11.81 13.38
CA PRO B 6 -19.22 -11.79 13.89
C PRO B 6 -19.75 -10.35 13.93
N ASP B 7 -21.05 -10.19 13.63
CA ASP B 7 -21.65 -8.84 13.38
CA ASP B 7 -21.66 -8.85 13.40
C ASP B 7 -21.47 -7.96 14.62
N GLU B 8 -21.46 -8.52 15.83
CA GLU B 8 -21.51 -7.71 17.09
C GLU B 8 -20.08 -7.38 17.57
N LEU B 9 -19.05 -7.90 16.91
CA LEU B 9 -17.67 -7.56 17.32
C LEU B 9 -17.57 -6.05 17.26
N PRO B 10 -16.97 -5.36 18.28
CA PRO B 10 -16.88 -3.90 18.25
C PRO B 10 -16.24 -3.29 16.97
N ALA B 11 -15.32 -4.03 16.36
CA ALA B 11 -14.58 -3.61 15.16
C ALA B 11 -15.57 -3.32 14.03
N VAL B 12 -16.69 -4.02 13.99
CA VAL B 12 -17.63 -3.84 12.88
C VAL B 12 -18.12 -2.39 12.83
N ASN B 13 -18.75 -1.87 13.91
CA ASN B 13 -19.32 -0.51 13.87
C ASN B 13 -18.16 0.49 13.80
N PHE B 14 -17.08 0.21 14.49
CA PHE B 14 -15.91 1.11 14.57
C PHE B 14 -15.31 1.27 13.18
N LEU B 15 -15.04 0.19 12.41
CA LEU B 15 -14.43 0.31 11.08
C LEU B 15 -15.47 0.86 10.08
N ARG B 16 -16.75 0.49 10.22
CA ARG B 16 -17.78 1.10 9.32
C ARG B 16 -17.78 2.62 9.50
N GLU B 17 -17.62 3.13 10.72
N GLU B 17 -17.67 3.10 10.73
CA GLU B 17 -17.56 4.60 10.98
CA GLU B 17 -17.56 4.56 10.96
C GLU B 17 -16.30 5.18 10.33
C GLU B 17 -16.40 5.10 10.14
N GLU B 18 -15.28 4.36 10.02
CA GLU B 18 -14.08 4.81 9.27
C GLU B 18 -14.26 4.51 7.78
N ASN B 19 -15.50 4.22 7.32
CA ASN B 19 -15.79 4.04 5.87
C ASN B 19 -15.10 2.78 5.34
N VAL B 20 -14.92 1.76 6.16
CA VAL B 20 -14.28 0.49 5.80
C VAL B 20 -15.37 -0.58 5.66
N PHE B 21 -15.46 -1.24 4.52
CA PHE B 21 -16.39 -2.35 4.30
C PHE B 21 -15.93 -3.54 5.14
N VAL B 22 -16.83 -4.12 5.93
CA VAL B 22 -16.59 -5.30 6.77
C VAL B 22 -17.63 -6.36 6.40
N MET B 23 -17.20 -7.59 6.13
CA MET B 23 -18.17 -8.69 5.93
C MET B 23 -18.51 -9.23 7.31
N THR B 24 -19.75 -9.57 7.56
CA THR B 24 -20.07 -10.25 8.83
C THR B 24 -20.62 -11.64 8.55
N THR B 25 -20.47 -12.55 9.51
N THR B 25 -20.49 -12.54 9.53
CA THR B 25 -20.56 -14.01 9.28
CA THR B 25 -20.56 -14.01 9.32
C THR B 25 -21.98 -14.40 8.74
C THR B 25 -21.95 -14.42 8.75
N SER B 26 -22.52 -13.58 7.80
N SER B 26 -22.37 -13.73 7.66
CA SER B 26 -23.44 -13.96 6.68
CA SER B 26 -23.37 -14.16 6.65
C SER B 26 -22.63 -14.38 5.43
C SER B 26 -22.70 -14.41 5.28
N ARG B 27 -23.25 -15.14 4.50
N ARG B 27 -23.34 -15.18 4.39
CA ARG B 27 -22.68 -16.01 3.42
CA ARG B 27 -22.77 -16.06 3.31
C ARG B 27 -21.33 -15.52 2.82
C ARG B 27 -21.42 -15.55 2.75
N ALA B 28 -20.29 -16.40 2.76
N ALA B 28 -20.40 -16.42 2.66
CA ALA B 28 -18.86 -16.07 2.51
CA ALA B 28 -18.95 -16.10 2.44
C ALA B 28 -18.68 -15.40 1.15
C ALA B 28 -18.72 -15.52 1.04
N GLU B 32 -17.08 -15.70 -5.09
CA GLU B 32 -16.44 -16.26 -6.32
C GLU B 32 -15.63 -15.14 -7.04
N ILE B 33 -14.31 -15.04 -6.81
CA ILE B 33 -13.50 -13.80 -7.12
C ILE B 33 -13.01 -13.81 -8.60
N ARG B 34 -13.54 -12.90 -9.44
CA ARG B 34 -13.48 -12.96 -10.94
C ARG B 34 -12.24 -12.19 -11.49
N PRO B 35 -11.65 -12.55 -12.65
CA PRO B 35 -10.56 -11.75 -13.23
C PRO B 35 -11.13 -10.39 -13.65
N LEU B 36 -10.32 -9.32 -13.62
CA LEU B 36 -10.74 -7.96 -14.04
C LEU B 36 -10.21 -7.72 -15.45
N LYS B 37 -10.93 -6.90 -16.20
CA LYS B 37 -10.42 -6.50 -17.54
C LYS B 37 -10.04 -5.03 -17.43
N VAL B 38 -8.78 -4.73 -17.71
CA VAL B 38 -8.30 -3.33 -17.74
C VAL B 38 -7.68 -3.02 -19.10
N LEU B 39 -8.08 -1.89 -19.64
CA LEU B 39 -7.57 -1.34 -20.91
C LEU B 39 -6.66 -0.16 -20.58
N ILE B 40 -5.55 -0.04 -21.30
CA ILE B 40 -4.62 1.08 -21.15
C ILE B 40 -4.49 1.73 -22.53
N LEU B 41 -4.94 2.97 -22.60
CA LEU B 41 -4.74 3.81 -23.81
C LEU B 41 -3.42 4.51 -23.56
N ASN B 42 -2.37 3.99 -24.17
CA ASN B 42 -0.98 4.48 -23.94
C ASN B 42 -0.64 5.59 -24.91
N LEU B 43 -0.61 6.85 -24.43
CA LEU B 43 -0.33 8.01 -25.33
C LEU B 43 1.08 8.52 -25.12
N MET B 44 1.87 7.86 -24.28
CA MET B 44 3.20 8.38 -23.94
C MET B 44 4.19 8.13 -25.08
N PRO B 45 5.18 9.01 -25.27
CA PRO B 45 6.18 8.79 -26.31
C PRO B 45 7.04 7.52 -26.07
N LYS B 46 7.42 7.20 -24.81
CA LYS B 46 8.10 5.92 -24.48
C LYS B 46 7.07 4.84 -24.16
N LYS B 47 6.61 4.11 -25.17
CA LYS B 47 5.50 3.16 -24.99
C LYS B 47 5.95 2.06 -24.04
N ILE B 48 7.09 1.42 -24.27
CA ILE B 48 7.46 0.23 -23.42
C ILE B 48 7.74 0.67 -21.95
N GLU B 49 8.46 1.76 -21.75
CA GLU B 49 8.72 2.27 -20.37
C GLU B 49 7.39 2.49 -19.65
N THR B 50 6.44 3.10 -20.34
CA THR B 50 5.12 3.44 -19.78
C THR B 50 4.38 2.15 -19.42
N GLU B 51 4.36 1.18 -20.32
CA GLU B 51 3.77 -0.15 -20.03
C GLU B 51 4.42 -0.76 -18.79
N ASN B 52 5.74 -0.77 -18.70
CA ASN B 52 6.44 -1.37 -17.57
C ASN B 52 6.01 -0.63 -16.26
N GLN B 53 5.93 0.69 -16.25
CA GLN B 53 5.71 1.47 -15.01
C GLN B 53 4.26 1.23 -14.57
N PHE B 54 3.26 1.27 -15.47
CA PHE B 54 1.88 1.05 -15.00
C PHE B 54 1.62 -0.41 -14.67
N LEU B 55 2.22 -1.34 -15.42
CA LEU B 55 2.00 -2.77 -15.17
C LEU B 55 2.69 -3.18 -13.85
N ARG B 56 3.81 -2.57 -13.51
CA ARG B 56 4.45 -2.84 -12.20
C ARG B 56 3.42 -2.60 -11.08
N LEU B 57 2.71 -1.51 -11.13
CA LEU B 57 1.72 -1.14 -10.09
C LEU B 57 0.47 -2.02 -10.17
N LEU B 58 -0.03 -2.32 -11.37
CA LEU B 58 -1.27 -3.13 -11.47
C LEU B 58 -1.02 -4.60 -11.09
N SER B 59 0.23 -5.02 -11.02
CA SER B 59 0.69 -6.38 -10.65
C SER B 59 0.63 -6.61 -9.14
N ASN B 60 0.57 -5.58 -8.32
CA ASN B 60 0.70 -5.67 -6.84
C ASN B 60 -0.69 -5.79 -6.22
N SER B 61 -1.40 -6.83 -6.63
CA SER B 61 -2.77 -7.21 -6.25
C SER B 61 -2.93 -8.71 -6.48
N PRO B 62 -3.58 -9.43 -5.55
CA PRO B 62 -3.96 -10.81 -5.81
C PRO B 62 -5.01 -11.00 -6.91
N LEU B 63 -5.80 -9.98 -7.24
CA LEU B 63 -6.77 -10.04 -8.34
C LEU B 63 -6.05 -10.33 -9.66
N GLN B 64 -6.66 -11.12 -10.52
CA GLN B 64 -6.15 -11.33 -11.87
C GLN B 64 -6.59 -10.13 -12.73
N VAL B 65 -5.61 -9.45 -13.33
CA VAL B 65 -5.89 -8.25 -14.16
C VAL B 65 -5.47 -8.57 -15.61
N ASP B 66 -6.45 -8.92 -16.43
CA ASP B 66 -6.29 -9.13 -17.88
C ASP B 66 -6.11 -7.74 -18.53
N ILE B 67 -4.99 -7.51 -19.17
CA ILE B 67 -4.60 -6.20 -19.69
C ILE B 67 -4.80 -6.19 -21.20
N GLN B 68 -5.40 -5.15 -21.74
CA GLN B 68 -5.33 -4.97 -23.22
C GLN B 68 -4.77 -3.56 -23.43
N LEU B 69 -3.92 -3.41 -24.43
CA LEU B 69 -3.26 -2.13 -24.74
C LEU B 69 -3.93 -1.55 -25.99
N LEU B 70 -4.36 -0.31 -25.90
CA LEU B 70 -5.10 0.41 -26.95
C LEU B 70 -4.18 1.48 -27.57
N ARG B 71 -4.12 1.51 -28.90
CA ARG B 71 -3.44 2.58 -29.65
C ARG B 71 -4.53 3.50 -30.22
N ILE B 72 -4.17 4.77 -30.31
CA ILE B 72 -5.06 5.85 -30.83
C ILE B 72 -4.86 6.02 -32.34
N ASP B 73 -3.75 5.55 -32.87
CA ASP B 73 -3.26 5.87 -34.25
C ASP B 73 -3.50 4.63 -35.12
N SER B 74 -3.76 4.81 -36.40
CA SER B 74 -3.94 3.65 -37.35
C SER B 74 -2.57 3.04 -37.73
N ARG B 75 -2.57 1.79 -38.23
CA ARG B 75 -1.31 1.12 -38.68
C ARG B 75 -0.67 1.82 -39.88
N GLU B 76 -1.47 2.58 -40.64
CA GLU B 76 -1.18 3.11 -42.00
C GLU B 76 -0.80 4.61 -41.89
N SER B 77 -1.13 5.27 -40.78
CA SER B 77 -0.65 6.65 -40.49
C SER B 77 0.90 6.75 -40.41
N ARG B 78 1.65 5.63 -40.34
N ARG B 78 1.61 5.62 -40.38
CA ARG B 78 3.12 5.65 -40.04
CA ARG B 78 3.08 5.60 -40.21
C ARG B 78 3.96 5.39 -41.32
C ARG B 78 3.75 5.78 -41.59
N ASN B 79 5.01 6.21 -41.57
CA ASN B 79 5.98 6.03 -42.70
C ASN B 79 6.58 4.62 -42.68
N THR B 80 6.92 4.05 -41.52
CA THR B 80 7.24 2.60 -41.42
C THR B 80 6.29 1.97 -40.41
N PRO B 81 6.04 0.63 -40.45
CA PRO B 81 5.30 -0.01 -39.35
C PRO B 81 5.93 0.24 -37.97
N ALA B 82 5.06 0.48 -36.97
CA ALA B 82 5.45 0.42 -35.54
C ALA B 82 5.29 -1.05 -35.09
N GLU B 83 6.41 -1.80 -35.07
CA GLU B 83 6.42 -3.26 -34.83
C GLU B 83 5.73 -3.52 -33.46
N HIS B 84 6.23 -2.88 -32.43
CA HIS B 84 5.74 -3.10 -31.05
C HIS B 84 4.20 -2.90 -31.00
N LEU B 85 3.71 -1.76 -31.44
CA LEU B 85 2.27 -1.46 -31.47
C LEU B 85 1.51 -2.50 -32.28
N ASN B 86 2.01 -2.85 -33.47
CA ASN B 86 1.30 -3.85 -34.28
C ASN B 86 1.21 -5.16 -33.50
N ASN B 87 2.26 -5.53 -32.77
CA ASN B 87 2.32 -6.88 -32.14
C ASN B 87 1.41 -6.93 -30.91
N PHE B 88 1.27 -5.84 -30.15
CA PHE B 88 0.75 -5.89 -28.78
C PHE B 88 -0.52 -5.10 -28.60
N TYR B 89 -0.84 -4.15 -29.49
CA TYR B 89 -1.92 -3.18 -29.26
C TYR B 89 -3.12 -3.53 -30.13
N CYS B 90 -4.32 -3.28 -29.61
CA CYS B 90 -5.54 -3.27 -30.47
C CYS B 90 -5.91 -1.84 -30.88
N ASN B 91 -6.80 -1.70 -31.87
CA ASN B 91 -7.47 -0.41 -32.19
CA ASN B 91 -7.45 -0.39 -32.20
C ASN B 91 -8.86 -0.37 -31.56
N PHE B 92 -9.50 0.79 -31.58
CA PHE B 92 -10.80 1.03 -30.90
C PHE B 92 -11.84 0.06 -31.48
N GLU B 93 -11.85 -0.19 -32.78
CA GLU B 93 -12.88 -1.02 -33.45
C GLU B 93 -12.76 -2.45 -32.91
N ASP B 94 -11.57 -2.88 -32.51
CA ASP B 94 -11.37 -4.27 -31.95
C ASP B 94 -12.07 -4.39 -30.61
N ILE B 95 -12.18 -3.34 -29.80
CA ILE B 95 -12.69 -3.49 -28.41
C ILE B 95 -14.01 -2.71 -28.22
N GLN B 96 -14.54 -2.06 -29.26
CA GLN B 96 -15.73 -1.20 -29.10
C GLN B 96 -16.92 -1.99 -28.53
N ASP B 97 -17.07 -3.28 -28.83
CA ASP B 97 -18.26 -4.06 -28.35
C ASP B 97 -17.96 -4.78 -27.03
N GLN B 98 -16.77 -4.59 -26.44
CA GLN B 98 -16.42 -5.21 -25.13
C GLN B 98 -16.72 -4.28 -23.95
N ASN B 99 -16.84 -4.84 -22.74
CA ASN B 99 -16.96 -4.10 -21.46
C ASN B 99 -15.66 -4.33 -20.69
N PHE B 100 -15.19 -3.33 -19.98
CA PHE B 100 -13.98 -3.39 -19.14
C PHE B 100 -14.38 -2.90 -17.74
N ASP B 101 -13.68 -3.40 -16.74
CA ASP B 101 -13.76 -2.92 -15.36
C ASP B 101 -12.94 -1.62 -15.20
N GLY B 102 -11.81 -1.51 -15.88
CA GLY B 102 -10.92 -0.36 -15.77
C GLY B 102 -10.40 0.12 -17.11
N LEU B 103 -10.20 1.41 -17.16
CA LEU B 103 -9.45 2.08 -18.25
C LEU B 103 -8.49 3.06 -17.62
N ILE B 104 -7.26 3.02 -18.08
CA ILE B 104 -6.25 4.07 -17.81
C ILE B 104 -5.98 4.83 -19.12
N VAL B 105 -6.14 6.14 -19.11
CA VAL B 105 -5.61 7.01 -20.19
C VAL B 105 -4.35 7.69 -19.68
N THR B 106 -3.23 7.42 -20.30
CA THR B 106 -1.95 7.94 -19.79
C THR B 106 -1.88 9.44 -20.12
N GLY B 107 -0.81 10.05 -19.65
CA GLY B 107 -0.41 11.37 -20.15
C GLY B 107 0.01 11.31 -21.60
N ALA B 108 0.27 12.47 -22.18
CA ALA B 108 0.57 12.66 -23.61
C ALA B 108 1.37 13.94 -23.75
N PRO B 109 2.23 14.04 -24.77
CA PRO B 109 3.11 15.20 -24.93
C PRO B 109 2.34 16.33 -25.65
N LEU B 110 1.24 16.80 -25.07
CA LEU B 110 0.26 17.72 -25.71
C LEU B 110 -0.05 18.92 -24.82
N GLY B 111 0.75 19.18 -23.79
CA GLY B 111 0.54 20.27 -22.85
C GLY B 111 0.49 21.64 -23.56
N LEU B 112 1.26 21.84 -24.64
CA LEU B 112 1.26 23.16 -25.35
C LEU B 112 0.44 23.13 -26.63
N VAL B 113 -0.41 22.14 -26.82
CA VAL B 113 -1.26 22.05 -28.06
C VAL B 113 -2.71 22.32 -27.71
N GLU B 114 -3.34 23.15 -28.52
CA GLU B 114 -4.79 23.38 -28.39
C GLU B 114 -5.52 22.12 -28.78
N PHE B 115 -6.63 21.80 -28.11
CA PHE B 115 -7.39 20.54 -28.31
C PHE B 115 -7.77 20.46 -29.79
N ASN B 116 -8.24 21.54 -30.40
CA ASN B 116 -8.70 21.50 -31.81
C ASN B 116 -7.53 21.28 -32.77
N ASP B 117 -6.29 21.51 -32.34
CA ASP B 117 -5.09 21.19 -33.16
C ASP B 117 -4.57 19.79 -32.92
N VAL B 118 -5.10 19.05 -31.92
CA VAL B 118 -4.55 17.71 -31.59
C VAL B 118 -5.08 16.78 -32.69
N ALA B 119 -4.20 16.19 -33.47
CA ALA B 119 -4.55 15.38 -34.66
C ALA B 119 -5.54 14.30 -34.31
N TYR B 120 -5.33 13.56 -33.22
CA TYR B 120 -6.25 12.46 -32.85
C TYR B 120 -7.31 12.86 -31.82
N TRP B 121 -7.65 14.12 -31.72
CA TRP B 121 -8.71 14.62 -30.82
C TRP B 121 -10.03 13.92 -31.08
N PRO B 122 -10.50 13.74 -32.34
CA PRO B 122 -11.73 13.00 -32.53
C PRO B 122 -11.67 11.57 -31.89
N GLN B 123 -10.55 10.88 -32.03
CA GLN B 123 -10.40 9.47 -31.53
C GLN B 123 -10.48 9.50 -30.00
N ILE B 124 -9.94 10.54 -29.40
CA ILE B 124 -9.93 10.66 -27.91
C ILE B 124 -11.36 10.89 -27.47
N LYS B 125 -12.07 11.77 -28.15
CA LYS B 125 -13.48 12.00 -27.82
C LYS B 125 -14.28 10.71 -27.93
N GLN B 126 -13.98 9.91 -28.95
CA GLN B 126 -14.75 8.69 -29.21
C GLN B 126 -14.53 7.70 -28.05
N VAL B 127 -13.28 7.53 -27.63
CA VAL B 127 -12.96 6.66 -26.45
C VAL B 127 -13.68 7.17 -25.21
N LEU B 128 -13.61 8.45 -24.90
CA LEU B 128 -14.21 8.96 -23.63
C LEU B 128 -15.74 8.78 -23.65
N GLU B 129 -16.40 9.04 -24.79
CA GLU B 129 -17.87 8.85 -24.89
C GLU B 129 -18.22 7.38 -24.68
N TRP B 130 -17.50 6.47 -25.33
CA TRP B 130 -17.66 5.01 -25.18
C TRP B 130 -17.43 4.57 -23.72
N SER B 131 -16.47 5.17 -23.04
CA SER B 131 -16.09 4.67 -21.70
C SER B 131 -17.32 4.84 -20.77
N LYS B 132 -18.18 5.84 -20.98
CA LYS B 132 -19.32 6.11 -20.04
C LYS B 132 -20.16 4.83 -19.87
N ASP B 133 -20.37 4.06 -20.93
CA ASP B 133 -21.26 2.87 -20.90
C ASP B 133 -20.44 1.59 -20.87
N HIS B 134 -19.16 1.62 -21.20
CA HIS B 134 -18.39 0.37 -21.38
C HIS B 134 -17.32 0.18 -20.32
N VAL B 135 -17.04 1.15 -19.41
CA VAL B 135 -15.93 0.99 -18.44
C VAL B 135 -16.45 1.31 -17.06
N THR B 136 -16.28 0.44 -16.09
CA THR B 136 -16.75 0.74 -14.70
C THR B 136 -15.98 1.95 -14.11
N SER B 137 -14.65 2.02 -14.24
CA SER B 137 -13.87 3.16 -13.68
C SER B 137 -12.69 3.50 -14.59
N THR B 138 -12.64 4.76 -14.99
CA THR B 138 -11.59 5.36 -15.86
C THR B 138 -10.68 6.26 -15.01
N LEU B 139 -9.38 6.00 -15.12
CA LEU B 139 -8.33 6.82 -14.49
C LEU B 139 -7.61 7.61 -15.56
N PHE B 140 -7.73 8.92 -15.46
CA PHE B 140 -7.01 9.86 -16.34
C PHE B 140 -5.70 10.30 -15.70
N VAL B 141 -4.62 10.33 -16.47
CA VAL B 141 -3.28 10.77 -15.94
C VAL B 141 -2.81 12.03 -16.68
N CSD B 142 -2.44 13.10 -15.97
CA CSD B 142 -1.72 14.26 -16.54
CB CSD B 142 -0.24 13.92 -16.78
SG CSD B 142 0.75 15.51 -16.70
C CSD B 142 -2.46 14.92 -17.73
O CSD B 142 -3.55 15.50 -17.56
OD1 CSD B 142 2.18 15.15 -16.88
OD2 CSD B 142 0.25 16.33 -18.05
N TRP B 143 -1.94 14.87 -18.97
CA TRP B 143 -2.67 15.54 -20.04
C TRP B 143 -4.11 15.02 -20.15
N ALA B 144 -4.34 13.73 -19.87
CA ALA B 144 -5.62 13.09 -20.08
C ALA B 144 -6.60 13.77 -19.12
N VAL B 145 -6.10 14.30 -18.00
CA VAL B 145 -6.95 15.10 -17.06
C VAL B 145 -7.51 16.33 -17.78
N GLN B 146 -6.65 17.03 -18.51
CA GLN B 146 -7.09 18.27 -19.22
C GLN B 146 -8.09 17.87 -20.28
N ALA B 147 -7.80 16.80 -21.07
CA ALA B 147 -8.69 16.27 -22.11
C ALA B 147 -10.08 15.96 -21.52
N ALA B 148 -10.08 15.25 -20.40
CA ALA B 148 -11.34 14.76 -19.78
C ALA B 148 -12.10 15.96 -19.20
N LEU B 149 -11.40 16.91 -18.56
CA LEU B 149 -12.11 18.05 -17.95
C LEU B 149 -12.74 18.90 -19.09
N ASN B 150 -12.11 18.91 -20.25
CA ASN B 150 -12.66 19.61 -21.44
C ASN B 150 -13.91 18.87 -21.95
N ILE B 151 -13.80 17.58 -22.19
CA ILE B 151 -14.88 16.82 -22.84
C ILE B 151 -16.05 16.63 -21.85
N LEU B 152 -15.77 16.44 -20.58
CA LEU B 152 -16.80 16.13 -19.58
C LEU B 152 -17.36 17.38 -18.91
N TYR B 153 -16.60 18.44 -18.78
CA TYR B 153 -17.01 19.62 -17.97
C TYR B 153 -16.87 20.92 -18.77
N GLY B 154 -16.41 20.88 -20.02
CA GLY B 154 -16.26 22.07 -20.88
C GLY B 154 -15.24 23.03 -20.35
N ILE B 155 -14.25 22.56 -19.56
CA ILE B 155 -13.22 23.43 -18.97
C ILE B 155 -12.13 23.69 -20.02
N PRO B 156 -11.82 24.95 -20.35
CA PRO B 156 -10.74 25.17 -21.29
C PRO B 156 -9.40 24.79 -20.63
N LYS B 157 -8.48 24.41 -21.49
CA LYS B 157 -7.07 24.15 -21.20
C LYS B 157 -6.49 25.34 -20.44
N GLN B 158 -5.65 25.13 -19.45
CA GLN B 158 -4.86 26.21 -18.80
C GLN B 158 -3.43 25.73 -18.71
N THR B 159 -2.52 26.66 -18.92
CA THR B 159 -1.09 26.36 -18.97
C THR B 159 -0.39 27.18 -17.86
N ARG B 160 0.49 26.55 -17.10
CA ARG B 160 1.28 27.24 -16.09
C ARG B 160 2.23 28.20 -16.80
N THR B 161 2.58 29.29 -16.10
CA THR B 161 3.61 30.26 -16.60
C THR B 161 5.00 29.58 -16.58
N GLU B 162 5.24 28.68 -15.62
CA GLU B 162 6.52 27.94 -15.52
C GLU B 162 6.25 26.45 -15.29
N LYS B 163 7.00 25.65 -16.01
CA LYS B 163 6.85 24.18 -15.98
C LYS B 163 7.07 23.69 -14.56
N LEU B 164 6.28 22.73 -14.10
CA LEU B 164 6.52 22.04 -12.81
C LEU B 164 7.36 20.82 -13.11
N SER B 165 8.46 20.60 -12.41
CA SER B 165 9.33 19.45 -12.64
C SER B 165 10.02 19.08 -11.33
N GLY B 166 9.56 18.01 -10.68
CA GLY B 166 10.22 17.62 -9.42
C GLY B 166 9.35 16.69 -8.61
N VAL B 167 9.74 16.50 -7.38
CA VAL B 167 8.99 15.68 -6.39
C VAL B 167 8.46 16.63 -5.33
N TYR B 168 7.17 16.74 -5.22
CA TYR B 168 6.49 17.78 -4.41
C TYR B 168 5.71 17.16 -3.26
N GLU B 169 5.54 17.97 -2.23
CA GLU B 169 4.79 17.67 -1.02
C GLU B 169 3.30 17.82 -1.32
N HIS B 170 2.50 16.96 -0.72
CA HIS B 170 1.04 16.84 -0.91
C HIS B 170 0.39 16.60 0.43
N HIS B 171 -0.90 16.82 0.52
CA HIS B 171 -1.68 16.34 1.67
C HIS B 171 -2.98 15.76 1.18
N ILE B 172 -3.55 14.86 1.95
CA ILE B 172 -4.90 14.29 1.73
C ILE B 172 -5.94 15.22 2.34
N LEU B 173 -7.14 15.20 1.79
CA LEU B 173 -8.24 16.04 2.31
C LEU B 173 -9.25 15.19 3.10
N HIS B 174 -9.35 13.89 2.85
CA HIS B 174 -10.44 13.04 3.39
C HIS B 174 -9.80 11.86 4.11
N PRO B 175 -9.72 11.94 5.46
CA PRO B 175 -9.08 10.89 6.23
C PRO B 175 -9.56 9.45 5.97
N HIS B 176 -10.82 9.27 5.60
CA HIS B 176 -11.42 7.92 5.48
C HIS B 176 -11.77 7.55 4.02
N ALA B 177 -11.21 8.26 3.05
CA ALA B 177 -11.51 8.00 1.63
C ALA B 177 -10.94 6.61 1.21
N LEU B 178 -11.54 6.01 0.18
CA LEU B 178 -11.04 4.75 -0.41
C LEU B 178 -9.77 5.00 -1.21
N LEU B 179 -9.79 5.97 -2.12
CA LEU B 179 -8.65 6.06 -3.07
C LEU B 179 -7.34 6.42 -2.31
N THR B 180 -7.44 7.12 -1.18
CA THR B 180 -6.25 7.51 -0.36
C THR B 180 -6.12 6.62 0.86
N ARG B 181 -6.85 5.53 0.93
CA ARG B 181 -6.71 4.58 2.09
C ARG B 181 -5.24 4.16 2.33
N GLY B 182 -4.79 4.41 3.54
CA GLY B 182 -3.42 4.17 4.01
C GLY B 182 -2.46 5.29 3.71
N PHE B 183 -2.84 6.28 2.91
CA PHE B 183 -1.95 7.45 2.64
C PHE B 183 -1.63 8.15 3.96
N ASP B 184 -0.40 8.58 4.09
CA ASP B 184 0.00 9.46 5.19
C ASP B 184 -0.70 10.80 5.00
N ASP B 185 -0.79 11.59 6.07
CA ASP B 185 -1.38 12.94 5.97
C ASP B 185 -0.66 13.80 4.93
N SER B 186 0.68 13.75 4.93
CA SER B 186 1.46 14.41 3.87
C SER B 186 2.30 13.38 3.16
N PHE B 187 2.56 13.62 1.88
CA PHE B 187 3.32 12.58 1.12
C PHE B 187 3.89 13.20 -0.14
N LEU B 188 4.80 12.50 -0.77
CA LEU B 188 5.53 12.96 -1.96
C LEU B 188 4.92 12.35 -3.19
N ALA B 189 4.97 13.09 -4.31
CA ALA B 189 4.65 12.54 -5.65
C ALA B 189 5.33 13.44 -6.67
N PRO B 190 5.74 12.87 -7.81
CA PRO B 190 6.40 13.64 -8.87
C PRO B 190 5.38 14.39 -9.71
N HIS B 191 5.78 15.59 -10.14
CA HIS B 191 5.06 16.27 -11.25
C HIS B 191 6.07 16.65 -12.33
N SER B 192 5.57 16.70 -13.53
CA SER B 192 6.31 17.15 -14.72
C SER B 192 5.31 17.65 -15.74
N ARG B 193 4.96 18.91 -15.71
CA ARG B 193 3.83 19.38 -16.52
C ARG B 193 3.89 20.90 -16.69
N TYR B 194 3.44 21.32 -17.87
CA TYR B 194 2.90 22.68 -18.08
C TYR B 194 1.41 22.73 -17.78
N ALA B 195 0.61 21.67 -17.95
CA ALA B 195 -0.84 21.72 -17.60
C ALA B 195 -1.05 22.30 -16.21
N ASP B 196 -2.03 23.18 -16.05
CA ASP B 196 -2.24 23.94 -14.80
C ASP B 196 -3.45 23.32 -14.19
N PHE B 197 -3.37 22.87 -12.94
CA PHE B 197 -4.54 22.23 -12.25
C PHE B 197 -4.77 22.84 -10.88
N PRO B 198 -5.11 24.14 -10.81
CA PRO B 198 -5.43 24.76 -9.52
C PRO B 198 -6.66 24.05 -8.89
N ALA B 199 -6.62 23.77 -7.60
CA ALA B 199 -7.75 23.10 -6.93
C ALA B 199 -9.03 23.92 -7.12
N ALA B 200 -8.95 25.24 -7.12
CA ALA B 200 -10.12 26.15 -7.21
C ALA B 200 -10.86 25.86 -8.52
N LEU B 201 -10.13 25.53 -9.58
CA LEU B 201 -10.70 25.17 -10.90
C LEU B 201 -11.60 23.95 -10.73
N ILE B 202 -11.10 22.91 -10.03
CA ILE B 202 -11.85 21.67 -9.86
C ILE B 202 -13.05 21.96 -8.96
N ARG B 203 -12.84 22.67 -7.85
CA ARG B 203 -13.96 22.97 -6.91
C ARG B 203 -15.06 23.80 -7.60
N ASP B 204 -14.67 24.82 -8.37
CA ASP B 204 -15.64 25.85 -8.85
C ASP B 204 -16.27 25.37 -10.17
N TYR B 205 -15.67 24.47 -10.96
CA TYR B 205 -16.23 24.13 -12.30
C TYR B 205 -16.54 22.64 -12.47
N THR B 206 -16.47 21.85 -11.41
CA THR B 206 -16.87 20.43 -11.49
C THR B 206 -17.63 20.06 -10.21
N ASP B 207 -18.17 18.87 -10.24
CA ASP B 207 -18.77 18.18 -9.05
C ASP B 207 -17.83 17.06 -8.51
N LEU B 208 -16.56 17.07 -8.87
CA LEU B 208 -15.58 16.06 -8.43
C LEU B 208 -15.11 16.33 -7.01
N GLU B 209 -14.82 15.27 -6.27
CA GLU B 209 -14.31 15.35 -4.89
C GLU B 209 -12.77 15.40 -4.98
N ILE B 210 -12.20 16.37 -4.35
CA ILE B 210 -10.72 16.50 -4.28
C ILE B 210 -10.17 15.66 -3.11
N LEU B 211 -9.29 14.72 -3.39
CA LEU B 211 -8.77 13.81 -2.35
C LEU B 211 -7.37 14.18 -1.93
N ALA B 212 -6.60 14.86 -2.74
CA ALA B 212 -5.26 15.30 -2.34
C ALA B 212 -4.87 16.47 -3.23
N GLU B 213 -4.12 17.39 -2.64
CA GLU B 213 -3.54 18.58 -3.26
C GLU B 213 -2.05 18.66 -3.00
N THR B 214 -1.35 19.36 -3.90
CA THR B 214 0.01 19.82 -3.65
C THR B 214 -0.04 20.92 -2.60
N GLU B 215 1.08 21.17 -1.97
CA GLU B 215 1.22 22.25 -0.95
C GLU B 215 1.04 23.63 -1.60
N GLU B 216 1.31 23.80 -2.88
CA GLU B 216 1.17 25.08 -3.64
C GLU B 216 -0.25 25.21 -4.18
N GLY B 217 -1.19 24.30 -3.93
CA GLY B 217 -2.60 24.61 -4.26
C GLY B 217 -3.17 23.91 -5.51
N ASP B 218 -2.46 22.97 -6.14
CA ASP B 218 -2.96 22.17 -7.30
C ASP B 218 -3.77 20.97 -6.78
N ALA B 219 -4.79 20.57 -7.54
CA ALA B 219 -5.43 19.27 -7.35
C ALA B 219 -4.44 18.19 -7.81
N TYR B 220 -4.22 17.15 -7.00
CA TYR B 220 -3.39 16.00 -7.40
C TYR B 220 -4.28 14.79 -7.68
N LEU B 221 -5.19 14.48 -6.76
CA LEU B 221 -6.12 13.36 -6.93
C LEU B 221 -7.52 13.87 -6.73
N PHE B 222 -8.42 13.47 -7.57
CA PHE B 222 -9.85 13.80 -7.43
C PHE B 222 -10.63 12.77 -8.20
N ALA B 223 -11.90 12.60 -7.85
CA ALA B 223 -12.72 11.53 -8.48
C ALA B 223 -14.21 11.88 -8.37
N SER B 224 -15.03 11.17 -9.13
CA SER B 224 -16.50 11.31 -8.99
C SER B 224 -16.98 10.52 -7.77
N LYS B 225 -18.07 10.92 -7.12
CA LYS B 225 -18.62 10.17 -5.96
C LYS B 225 -19.07 8.76 -6.39
N ASP B 226 -19.50 8.53 -7.62
CA ASP B 226 -19.89 7.18 -8.08
C ASP B 226 -18.66 6.35 -8.54
N LYS B 227 -17.45 6.87 -8.45
CA LYS B 227 -16.19 6.16 -8.83
C LYS B 227 -16.11 5.73 -10.31
N ARG B 228 -16.94 6.26 -11.19
CA ARG B 228 -16.81 6.05 -12.64
C ARG B 228 -15.50 6.74 -13.17
N ILE B 229 -15.10 7.86 -12.59
CA ILE B 229 -13.94 8.62 -13.13
C ILE B 229 -13.01 9.06 -12.00
N ALA B 230 -11.72 9.00 -12.28
CA ALA B 230 -10.69 9.38 -11.31
C ALA B 230 -9.55 10.05 -12.06
N PHE B 231 -8.90 10.99 -11.37
CA PHE B 231 -7.89 11.86 -12.04
C PHE B 231 -6.65 11.93 -11.17
N VAL B 232 -5.49 11.78 -11.79
CA VAL B 232 -4.19 12.03 -11.13
C VAL B 232 -3.34 12.98 -11.99
N THR B 233 -2.80 14.04 -11.39
CA THR B 233 -2.11 15.10 -12.16
C THR B 233 -0.61 14.94 -12.13
N GLY B 234 -0.07 14.06 -11.27
CA GLY B 234 1.35 13.76 -11.21
C GLY B 234 1.66 12.40 -11.83
N HIS B 235 2.85 11.89 -11.52
CA HIS B 235 3.42 10.67 -12.15
C HIS B 235 4.05 9.78 -11.08
N PRO B 236 3.23 9.20 -10.18
CA PRO B 236 3.77 8.32 -9.16
C PRO B 236 4.25 6.99 -9.73
N GLU B 237 3.91 6.68 -10.97
CA GLU B 237 4.35 5.48 -11.69
C GLU B 237 5.80 5.62 -12.12
N TYR B 238 6.40 6.81 -12.06
CA TYR B 238 7.79 7.02 -12.56
C TYR B 238 8.80 6.16 -11.78
N ASP B 239 9.78 5.65 -12.48
CA ASP B 239 10.97 4.99 -11.83
C ASP B 239 11.83 6.08 -11.17
N ALA B 240 12.74 5.69 -10.29
CA ALA B 240 13.71 6.60 -9.65
C ALA B 240 14.34 7.53 -10.67
N GLN B 241 14.81 6.99 -11.78
CA GLN B 241 15.66 7.69 -12.78
C GLN B 241 14.85 8.44 -13.85
N THR B 242 13.51 8.36 -13.88
CA THR B 242 12.76 8.98 -15.03
C THR B 242 13.06 10.46 -15.17
N LEU B 243 12.97 11.26 -14.12
CA LEU B 243 13.20 12.72 -14.21
C LEU B 243 14.67 12.99 -14.58
N ALA B 244 15.58 12.14 -14.10
CA ALA B 244 17.03 12.24 -14.33
C ALA B 244 17.33 12.08 -15.82
N GLN B 245 16.71 11.08 -16.43
CA GLN B 245 16.93 10.77 -17.87
C GLN B 245 16.50 11.98 -18.70
N GLU B 246 15.33 12.54 -18.39
CA GLU B 246 14.82 13.74 -19.03
C GLU B 246 15.75 14.91 -18.78
N PHE B 247 16.17 15.12 -17.52
CA PHE B 247 17.12 16.22 -17.18
C PHE B 247 18.41 16.09 -18.04
N PHE B 248 19.03 14.91 -18.10
CA PHE B 248 20.33 14.78 -18.81
C PHE B 248 20.12 15.02 -20.33
N ARG B 249 19.01 14.58 -20.90
CA ARG B 249 18.69 14.80 -22.33
C ARG B 249 18.53 16.30 -22.58
N ASP B 250 17.82 17.03 -21.72
CA ASP B 250 17.67 18.52 -21.77
C ASP B 250 19.06 19.18 -21.72
N VAL B 251 19.91 18.82 -20.76
CA VAL B 251 21.29 19.37 -20.67
C VAL B 251 22.06 19.07 -21.98
N GLU B 252 22.02 17.87 -22.48
CA GLU B 252 22.78 17.44 -23.70
C GLU B 252 22.23 18.22 -24.90
N ALA B 253 20.91 18.43 -24.97
CA ALA B 253 20.19 19.11 -26.08
C ALA B 253 20.44 20.60 -26.02
N GLY B 254 21.13 21.12 -24.98
CA GLY B 254 21.54 22.52 -24.84
C GLY B 254 20.64 23.39 -23.96
N LEU B 255 19.66 22.88 -23.22
CA LEU B 255 18.81 23.74 -22.34
C LEU B 255 19.57 24.14 -21.05
N ASP B 256 19.28 25.35 -20.56
CA ASP B 256 19.89 25.95 -19.34
C ASP B 256 18.82 25.81 -18.26
N ILE B 257 18.83 24.72 -17.51
CA ILE B 257 17.69 24.44 -16.60
C ILE B 257 18.23 23.97 -15.27
N ASP B 258 17.41 24.22 -14.26
CA ASP B 258 17.70 23.82 -12.87
C ASP B 258 17.48 22.32 -12.86
N VAL B 259 18.03 21.67 -11.85
CA VAL B 259 17.63 20.28 -11.55
C VAL B 259 16.13 20.28 -11.20
N PRO B 260 15.48 19.13 -11.41
CA PRO B 260 14.13 18.97 -10.92
C PRO B 260 14.17 19.18 -9.40
N TYR B 261 13.08 19.73 -8.88
CA TYR B 261 12.96 20.08 -7.46
C TYR B 261 13.02 18.81 -6.59
N ASN B 262 13.80 18.84 -5.50
CA ASN B 262 13.70 17.88 -4.39
C ASN B 262 13.85 16.46 -4.94
N TYR B 263 14.74 16.29 -5.89
CA TYR B 263 14.85 15.04 -6.69
C TYR B 263 16.23 14.39 -6.49
N PHE B 264 17.28 15.11 -6.83
CA PHE B 264 18.66 14.55 -6.64
C PHE B 264 19.08 14.84 -5.21
N PRO B 265 19.71 13.88 -4.48
CA PRO B 265 20.33 14.18 -3.18
C PRO B 265 21.29 15.38 -3.29
N HIS B 266 21.06 16.32 -2.39
CA HIS B 266 21.81 17.60 -2.28
C HIS B 266 21.60 18.44 -3.53
N ASN B 267 20.57 18.16 -4.35
CA ASN B 267 20.40 18.85 -5.66
C ASN B 267 21.63 18.71 -6.57
N ASP B 268 22.32 17.60 -6.46
CA ASP B 268 23.56 17.37 -7.24
C ASP B 268 23.32 16.21 -8.20
N PRO B 269 23.33 16.45 -9.52
CA PRO B 269 22.96 15.42 -10.47
C PRO B 269 23.99 14.28 -10.62
N GLN B 270 25.15 14.40 -9.95
CA GLN B 270 26.07 13.25 -9.82
C GLN B 270 25.46 12.21 -8.86
N ASN B 271 24.47 12.57 -8.00
CA ASN B 271 23.94 11.69 -6.93
C ASN B 271 22.81 10.82 -7.50
N THR B 272 22.71 9.57 -7.06
CA THR B 272 21.62 8.71 -7.56
C THR B 272 20.31 9.15 -6.91
N PRO B 273 19.26 9.47 -7.66
CA PRO B 273 17.95 9.72 -7.09
C PRO B 273 17.22 8.45 -6.66
N ARG B 274 16.45 8.58 -5.61
CA ARG B 274 15.62 7.51 -5.07
C ARG B 274 14.16 7.79 -5.40
N ALA B 275 13.41 6.72 -5.51
CA ALA B 275 11.97 6.79 -5.78
C ALA B 275 11.27 7.06 -4.45
N SER B 276 11.32 8.31 -4.03
CA SER B 276 10.82 8.78 -2.71
C SER B 276 9.29 8.77 -2.66
N TRP B 277 8.62 8.55 -3.80
CA TRP B 277 7.17 8.57 -3.99
C TRP B 277 6.61 7.18 -4.17
N ARG B 278 7.44 6.12 -4.08
CA ARG B 278 7.03 4.75 -4.48
C ARG B 278 5.80 4.34 -3.67
N SER B 279 5.85 4.49 -2.37
CA SER B 279 4.79 3.98 -1.47
C SER B 279 3.42 4.50 -1.83
N HIS B 280 3.27 5.78 -2.10
CA HIS B 280 1.93 6.32 -2.34
C HIS B 280 1.53 6.09 -3.78
N GLY B 281 2.45 5.78 -4.68
CA GLY B 281 2.05 5.32 -6.01
C GLY B 281 1.41 3.93 -5.84
N ASN B 282 2.03 3.07 -5.07
CA ASN B 282 1.52 1.70 -4.84
C ASN B 282 0.13 1.80 -4.17
N LEU B 283 0.01 2.54 -3.09
CA LEU B 283 -1.30 2.68 -2.41
C LEU B 283 -2.32 3.16 -3.44
N LEU B 284 -1.97 4.21 -4.22
CA LEU B 284 -2.96 4.79 -5.17
C LEU B 284 -3.47 3.72 -6.13
N PHE B 285 -2.59 3.01 -6.81
CA PHE B 285 -3.00 2.09 -7.89
C PHE B 285 -3.65 0.83 -7.35
N THR B 286 -3.18 0.36 -6.20
CA THR B 286 -3.76 -0.76 -5.42
C THR B 286 -5.17 -0.39 -4.97
N ASN B 287 -5.36 0.84 -4.46
CA ASN B 287 -6.70 1.29 -4.01
C ASN B 287 -7.62 1.45 -5.25
N TRP B 288 -7.11 1.99 -6.35
CA TRP B 288 -7.91 2.17 -7.57
C TRP B 288 -8.41 0.77 -8.02
N LEU B 289 -7.52 -0.25 -8.07
CA LEU B 289 -7.97 -1.58 -8.52
C LEU B 289 -9.02 -2.12 -7.56
N ASN B 290 -8.64 -2.16 -6.30
CA ASN B 290 -9.43 -2.80 -5.25
C ASN B 290 -10.78 -2.13 -4.99
N TYR B 291 -10.92 -0.81 -5.05
CA TYR B 291 -12.19 -0.16 -4.62
C TYR B 291 -12.95 0.46 -5.79
N TYR B 292 -12.27 0.78 -6.91
CA TYR B 292 -12.87 1.47 -8.08
C TYR B 292 -13.09 0.47 -9.23
N VAL B 293 -12.05 -0.25 -9.65
CA VAL B 293 -12.14 -1.19 -10.78
C VAL B 293 -12.94 -2.42 -10.31
N TYR B 294 -12.61 -2.99 -9.19
CA TYR B 294 -13.33 -4.12 -8.56
C TYR B 294 -14.31 -3.55 -7.52
N GLN B 295 -15.56 -3.87 -7.59
CA GLN B 295 -16.55 -3.30 -6.62
C GLN B 295 -17.34 -4.42 -5.90
N ILE B 296 -17.78 -5.50 -6.59
CA ILE B 296 -18.41 -6.73 -5.99
C ILE B 296 -18.94 -7.61 -7.14
C1 PEG C . -14.74 -9.01 33.83
O1 PEG C . -14.68 -7.64 34.19
C2 PEG C . -13.92 -9.91 34.70
O2 PEG C . -13.35 -9.20 35.81
C3 PEG C . -12.47 -10.02 36.59
C4 PEG C . -12.86 -9.99 38.04
O4 PEG C . -13.16 -8.68 38.49
C1 PEG D . 9.01 -5.57 -7.81
O1 PEG D . 9.89 -5.73 -6.81
C2 PEG D . 8.83 -4.15 -8.22
O2 PEG D . 7.48 -3.93 -8.57
C3 PEG D . 6.46 -4.42 -7.67
C4 PEG D . 5.16 -4.45 -8.49
O4 PEG D . 4.35 -5.61 -8.30
C FMT E . 10.22 -11.73 0.66
O1 FMT E . 10.51 -11.40 -0.47
O2 FMT E . 9.62 -11.01 1.56
C FMT F . 13.82 11.31 34.87
O1 FMT F . 14.67 10.46 35.05
O2 FMT F . 12.74 11.42 35.60
C1 GOL G . -13.04 17.05 -1.16
O1 GOL G . -12.04 17.96 -0.70
C2 GOL G . -14.20 17.75 -1.81
O2 GOL G . -13.80 18.19 -3.12
C3 GOL G . -15.43 16.87 -1.84
O3 GOL G . -16.55 17.50 -2.48
C FMT H . -13.06 8.00 -1.98
O1 FMT H . -12.33 7.44 -2.78
O2 FMT H . -13.75 7.45 -1.00
C FMT I . 2.16 14.41 -19.88
O1 FMT I . 0.93 14.54 -19.94
O2 FMT I . 2.86 13.40 -19.35
C FMT J . -4.01 28.24 -32.24
O1 FMT J . -3.52 27.18 -32.57
O2 FMT J . -5.23 28.61 -32.52
#